data_4N91
#
_entry.id   4N91
#
_cell.length_a   107.216
_cell.length_b   107.216
_cell.length_c   66.417
_cell.angle_alpha   90.00
_cell.angle_beta   90.00
_cell.angle_gamma   120.00
#
_symmetry.space_group_name_H-M   'P 31 2 1'
#
loop_
_entity.id
_entity.type
_entity.pdbx_description
1 polymer 'TRAP dicarboxylate transporter, DctP subunit'
2 non-polymer 'alpha-D-glucopyranuronic acid'
3 non-polymer 'beta-D-glucopyranuronic acid'
4 non-polymer 'CHLORIDE ION'
5 non-polymer 'TETRAETHYLENE GLYCOL'
6 water water
#
_entity_poly.entity_id   1
_entity_poly.type   'polypeptide(L)'
_entity_poly.pdbx_seq_one_letter_code
;(MSE)KSKFKTIF(MSE)AVIFALIFTACSKADSESQKTIIRVGHNQSQNHPTHLGLLAFEEYVEDKLGDKYDIQVYPSE
LLGSQID(MSE)VQLTQTGAINICVASNAILETFNDVWEIFNLPYLFASSEAYHHV(MSE)DDPEIVKPIFESTREGGFE
GVTWLDAGSRSFYTKDKPVNSPEDLSGLKIRVQQSPTNVR(MSE)(MSE)DLLGSSASP(MSE)GFGEVYTALQSGIIDG
AENNE(MSE)SLTDNGHGEVCKYYSYD(MSE)HQ(MSE)VPDIVIANYSWLEGLPEEDRKVFDEGFKVLNEVQRKEWKVA
VDKAKEKASE(MSE)GVEFIYPDQKPFVDAVAPLTKEVLERNDKLAPFYDAIQKYNEEYPAKEGAENLYFQ
;
_entity_poly.pdbx_strand_id   A
#
loop_
_chem_comp.id
_chem_comp.type
_chem_comp.name
_chem_comp.formula
BDP D-saccharide, beta linking 'beta-D-glucopyranuronic acid' 'C6 H10 O7'
CL non-polymer 'CHLORIDE ION' 'Cl -1'
GCU D-saccharide, alpha linking 'alpha-D-glucopyranuronic acid' 'C6 H10 O7'
PG4 non-polymer 'TETRAETHYLENE GLYCOL' 'C8 H18 O5'
#
# COMPACT_ATOMS: atom_id res chain seq x y z
N LYS A 30 -17.06 8.05 26.93
CA LYS A 30 -16.36 8.65 25.80
C LYS A 30 -16.89 8.14 24.47
N THR A 31 -16.53 8.84 23.42
CA THR A 31 -16.82 8.41 22.06
C THR A 31 -15.69 7.51 21.60
N ILE A 32 -16.04 6.28 21.22
CA ILE A 32 -15.06 5.30 20.75
C ILE A 32 -14.75 5.52 19.28
N ILE A 33 -13.48 5.71 18.96
CA ILE A 33 -13.04 5.81 17.57
C ILE A 33 -12.28 4.54 17.21
N ARG A 34 -12.85 3.77 16.30
CA ARG A 34 -12.28 2.47 15.92
C ARG A 34 -11.43 2.59 14.68
N VAL A 35 -10.20 2.09 14.78
CA VAL A 35 -9.19 2.27 13.75
C VAL A 35 -8.62 0.90 13.46
N GLY A 36 -8.65 0.50 12.20
CA GLY A 36 -8.13 -0.79 11.84
C GLY A 36 -7.01 -0.80 10.83
N HIS A 37 -6.16 -1.83 10.94
CA HIS A 37 -5.17 -2.11 9.92
C HIS A 37 -4.79 -3.59 9.95
N ASN A 38 -4.05 -4.06 8.95
CA ASN A 38 -3.79 -5.47 8.77
C ASN A 38 -2.39 -5.94 9.11
N GLN A 39 -1.60 -5.07 9.73
CA GLN A 39 -0.19 -5.34 10.04
C GLN A 39 0.00 -5.79 11.47
N SER A 40 1.17 -6.34 11.75
CA SER A 40 1.50 -6.69 13.11
C SER A 40 1.68 -5.47 13.99
N GLN A 41 1.71 -5.73 15.30
CA GLN A 41 1.96 -4.67 16.28
C GLN A 41 3.38 -4.09 16.23
N ASN A 42 4.30 -4.76 15.54
CA ASN A 42 5.67 -4.25 15.40
C ASN A 42 5.85 -3.38 14.16
N HIS A 43 4.86 -3.38 13.28
CA HIS A 43 5.00 -2.75 11.97
C HIS A 43 4.91 -1.22 12.12
N PRO A 44 5.65 -0.45 11.29
CA PRO A 44 5.56 1.02 11.28
C PRO A 44 4.15 1.60 11.33
N THR A 45 3.23 1.01 10.59
CA THR A 45 1.84 1.46 10.62
C THR A 45 1.19 1.38 11.97
N HIS A 46 1.43 0.30 12.71
CA HIS A 46 0.91 0.23 14.06
C HIS A 46 1.57 1.30 14.96
N LEU A 47 2.88 1.47 14.83
CA LEU A 47 3.61 2.46 15.63
C LEU A 47 3.11 3.86 15.31
N GLY A 48 2.87 4.15 14.03
CA GLY A 48 2.29 5.43 13.66
C GLY A 48 0.90 5.63 14.25
N LEU A 49 0.09 4.60 14.19
CA LEU A 49 -1.27 4.74 14.71
C LEU A 49 -1.29 4.88 16.23
N LEU A 50 -0.36 4.25 16.92
CA LEU A 50 -0.25 4.43 18.36
C LEU A 50 0.14 5.89 18.64
N ALA A 51 0.97 6.48 17.80
CA ALA A 51 1.35 7.89 17.96
C ALA A 51 0.13 8.81 17.71
N PHE A 52 -0.64 8.48 16.70
CA PHE A 52 -1.92 9.14 16.43
C PHE A 52 -2.83 9.11 17.66
N GLU A 53 -2.99 7.92 18.24
CA GLU A 53 -3.85 7.74 19.41
C GLU A 53 -3.36 8.60 20.56
N GLU A 54 -2.05 8.56 20.81
CA GLU A 54 -1.51 9.31 21.93
C GLU A 54 -1.67 10.82 21.69
N TYR A 55 -1.40 11.27 20.48
CA TYR A 55 -1.52 12.68 20.16
C TYR A 55 -2.94 13.17 20.42
N VAL A 56 -3.92 12.45 19.87
CA VAL A 56 -5.30 12.92 19.96
C VAL A 56 -5.81 12.83 21.39
N GLU A 57 -5.53 11.73 22.07
CA GLU A 57 -6.03 11.54 23.42
C GLU A 57 -5.38 12.53 24.40
N ASP A 58 -4.15 12.93 24.13
CA ASP A 58 -3.49 13.94 24.96
C ASP A 58 -4.23 15.27 24.89
N LYS A 59 -4.78 15.61 23.73
CA LYS A 59 -5.46 16.89 23.58
C LYS A 59 -6.94 16.81 23.94
N LEU A 60 -7.54 15.64 23.74
CA LEU A 60 -8.98 15.45 23.78
C LEU A 60 -9.37 14.10 24.41
N GLY A 61 -8.55 13.60 25.34
CA GLY A 61 -8.76 12.25 25.87
C GLY A 61 -9.99 12.08 26.74
N ASP A 62 -10.44 13.16 27.35
CA ASP A 62 -11.68 13.10 28.13
C ASP A 62 -12.87 12.76 27.23
N LYS A 63 -12.71 12.96 25.92
CA LYS A 63 -13.83 12.90 25.00
C LYS A 63 -13.79 11.72 24.03
N TYR A 64 -12.59 11.33 23.61
CA TYR A 64 -12.45 10.26 22.65
C TYR A 64 -11.54 9.16 23.17
N ASP A 65 -11.96 7.92 22.96
CA ASP A 65 -11.11 6.78 23.19
C ASP A 65 -10.80 6.18 21.82
N ILE A 66 -9.55 6.35 21.38
CA ILE A 66 -9.14 5.79 20.08
C ILE A 66 -8.67 4.35 20.29
N GLN A 67 -9.30 3.40 19.57
CA GLN A 67 -8.93 2.00 19.70
C GLN A 67 -8.36 1.47 18.39
N VAL A 68 -7.14 0.95 18.45
CA VAL A 68 -6.43 0.51 17.25
C VAL A 68 -6.46 -1.01 17.20
N TYR A 69 -6.95 -1.55 16.10
CA TYR A 69 -7.10 -2.97 15.90
C TYR A 69 -6.13 -3.46 14.81
N PRO A 70 -5.01 -4.06 15.23
CA PRO A 70 -4.01 -4.51 14.26
C PRO A 70 -4.35 -5.87 13.67
N SER A 71 -3.48 -6.37 12.79
CA SER A 71 -3.47 -7.76 12.33
C SER A 71 -4.83 -8.33 11.91
N GLU A 72 -5.57 -7.54 11.18
CA GLU A 72 -6.90 -7.99 10.61
C GLU A 72 -7.93 -8.41 11.68
N LEU A 73 -7.82 -7.85 12.87
CA LEU A 73 -8.86 -8.06 13.87
C LEU A 73 -10.22 -7.51 13.37
N LEU A 74 -10.25 -6.59 12.44
CA LEU A 74 -11.55 -6.10 12.00
C LEU A 74 -11.88 -6.66 10.63
N GLY A 75 -11.11 -7.66 10.23
CA GLY A 75 -11.24 -8.25 8.91
C GLY A 75 -10.06 -7.98 8.01
N SER A 76 -10.07 -8.62 6.84
CA SER A 76 -9.15 -8.32 5.77
C SER A 76 -9.32 -6.86 5.35
N GLN A 77 -8.39 -6.33 4.57
CA GLN A 77 -8.48 -4.93 4.20
C GLN A 77 -9.79 -4.62 3.45
N ILE A 78 -10.18 -5.52 2.55
CA ILE A 78 -11.46 -5.34 1.85
C ILE A 78 -12.63 -5.27 2.82
N ASP A 79 -12.67 -6.15 3.83
CA ASP A 79 -13.66 -6.16 4.93
C ASP A 79 -13.66 -4.74 5.58
N MSE A 80 -12.48 -4.24 5.93
CA MSE A 80 -12.34 -2.99 6.68
C MSE A 80 -12.78 -1.78 5.88
O MSE A 80 -13.40 -0.86 6.42
CB MSE A 80 -10.90 -2.80 7.18
CG MSE A 80 -10.55 -3.79 8.25
SE MSE A 80 -8.82 -3.33 9.10
CE MSE A 80 -7.64 -4.06 7.73
H MSE A 80 -11.72 -4.62 5.74
HA MSE A 80 -12.92 -3.06 7.47
HB2 MSE A 80 -10.29 -2.92 6.44
HB3 MSE A 80 -10.81 -1.91 7.54
HG2 MSE A 80 -11.23 -3.78 8.93
HG3 MSE A 80 -10.46 -4.67 7.85
HE1 MSE A 80 -6.73 -3.93 7.99
HE2 MSE A 80 -7.81 -5.01 7.64
HE3 MSE A 80 -7.81 -3.62 6.89
N VAL A 81 -12.46 -1.73 4.58
CA VAL A 81 -12.88 -0.59 3.76
C VAL A 81 -14.42 -0.53 3.77
N GLN A 82 -15.07 -1.69 3.65
CA GLN A 82 -16.53 -1.73 3.66
C GLN A 82 -17.11 -1.31 5.01
N LEU A 83 -16.46 -1.68 6.10
CA LEU A 83 -16.89 -1.26 7.43
C LEU A 83 -16.68 0.25 7.60
N THR A 84 -15.69 0.79 6.91
CA THR A 84 -15.43 2.24 6.99
C THR A 84 -16.50 2.99 6.20
N GLN A 85 -16.92 2.42 5.07
CA GLN A 85 -17.99 3.01 4.28
C GLN A 85 -19.27 3.21 5.07
N THR A 86 -19.62 2.25 5.93
CA THR A 86 -20.87 2.33 6.69
C THR A 86 -20.70 3.06 8.01
N GLY A 87 -19.46 3.30 8.41
CA GLY A 87 -19.18 3.94 9.68
C GLY A 87 -19.11 2.97 10.84
N ALA A 88 -19.18 1.68 10.56
CA ALA A 88 -19.02 0.67 11.62
C ALA A 88 -17.63 0.77 12.26
N ILE A 89 -16.64 1.15 11.46
CA ILE A 89 -15.41 1.67 12.04
C ILE A 89 -15.15 3.06 11.45
N ASN A 90 -14.30 3.82 12.12
CA ASN A 90 -14.11 5.23 11.75
C ASN A 90 -12.98 5.44 10.73
N ILE A 91 -11.90 4.67 10.90
CA ILE A 91 -10.66 4.89 10.15
C ILE A 91 -10.05 3.52 9.86
N CYS A 92 -9.54 3.34 8.65
CA CYS A 92 -8.69 2.17 8.43
C CYS A 92 -7.58 2.48 7.45
N VAL A 93 -6.68 1.53 7.33
CA VAL A 93 -5.60 1.65 6.36
C VAL A 93 -5.86 0.67 5.24
N ALA A 94 -5.82 1.17 4.02
CA ALA A 94 -6.01 0.33 2.84
C ALA A 94 -4.95 0.64 1.80
N SER A 95 -4.41 -0.40 1.15
CA SER A 95 -3.50 -0.17 0.06
C SER A 95 -4.21 0.52 -1.08
N ASN A 96 -3.53 1.44 -1.72
CA ASN A 96 -4.10 2.11 -2.89
C ASN A 96 -4.53 1.08 -3.94
N ALA A 97 -3.85 -0.07 -3.96
CA ALA A 97 -4.14 -1.11 -4.93
C ALA A 97 -5.63 -1.47 -4.95
N ILE A 98 -6.26 -1.54 -3.78
CA ILE A 98 -7.65 -1.98 -3.73
C ILE A 98 -8.65 -0.84 -3.85
N LEU A 99 -8.21 0.39 -3.64
CA LEU A 99 -9.13 1.52 -3.66
C LEU A 99 -9.62 1.81 -5.08
N GLU A 100 -8.87 1.39 -6.08
CA GLU A 100 -9.29 1.57 -7.47
C GLU A 100 -10.60 0.88 -7.81
N THR A 101 -11.02 -0.10 -7.02
CA THR A 101 -12.29 -0.78 -7.24
C THR A 101 -13.45 0.00 -6.62
N PHE A 102 -13.14 1.00 -5.81
CA PHE A 102 -14.14 1.87 -5.21
C PHE A 102 -14.32 3.15 -6.01
N ASN A 103 -13.25 3.63 -6.62
CA ASN A 103 -13.30 4.74 -7.58
C ASN A 103 -12.09 4.63 -8.48
N ASP A 104 -12.30 4.73 -9.78
CA ASP A 104 -11.23 4.49 -10.73
C ASP A 104 -10.07 5.50 -10.68
N VAL A 105 -10.27 6.68 -10.12
CA VAL A 105 -9.20 7.66 -10.12
C VAL A 105 -8.02 7.21 -9.24
N TRP A 106 -8.26 6.33 -8.29
CA TRP A 106 -7.14 5.84 -7.46
C TRP A 106 -6.11 5.06 -8.30
N GLU A 107 -6.53 4.62 -9.48
CA GLU A 107 -5.67 3.88 -10.42
C GLU A 107 -4.34 4.56 -10.64
N ILE A 108 -4.32 5.88 -10.56
CA ILE A 108 -3.11 6.64 -10.88
C ILE A 108 -1.85 6.11 -10.15
N PHE A 109 -1.97 5.87 -8.86
CA PHE A 109 -0.80 5.45 -8.07
C PHE A 109 -0.52 3.94 -8.15
N ASN A 110 -1.35 3.21 -8.88
CA ASN A 110 -1.12 1.78 -9.12
C ASN A 110 -0.38 1.48 -10.42
N LEU A 111 -0.06 2.52 -11.19
CA LEU A 111 0.65 2.32 -12.44
C LEU A 111 2.06 1.80 -12.19
N PRO A 112 2.48 0.77 -12.92
CA PRO A 112 3.86 0.28 -12.79
C PRO A 112 4.88 1.27 -13.33
N TYR A 113 6.03 1.31 -12.67
CA TYR A 113 7.16 2.12 -13.09
C TYR A 113 6.73 3.55 -13.32
N LEU A 114 5.98 4.07 -12.37
CA LEU A 114 5.43 5.41 -12.46
C LEU A 114 6.42 6.40 -11.90
N PHE A 115 7.03 6.08 -10.77
CA PHE A 115 7.93 7.04 -10.12
C PHE A 115 9.40 6.78 -10.40
N ALA A 116 10.15 7.85 -10.66
CA ALA A 116 11.55 7.68 -11.04
C ALA A 116 12.39 7.30 -9.83
N SER A 117 11.96 7.71 -8.64
CA SER A 117 12.77 7.58 -7.44
C SER A 117 11.86 7.64 -6.24
N SER A 118 12.35 7.18 -5.08
CA SER A 118 11.54 7.26 -3.88
C SER A 118 11.32 8.72 -3.50
N GLU A 119 12.30 9.58 -3.82
CA GLU A 119 12.12 11.00 -3.53
C GLU A 119 11.00 11.59 -4.38
N ALA A 120 10.95 11.24 -5.67
CA ALA A 120 9.85 11.71 -6.52
C ALA A 120 8.50 11.27 -5.93
N TYR A 121 8.43 10.01 -5.57
CA TYR A 121 7.25 9.42 -4.97
C TYR A 121 6.79 10.17 -3.72
N HIS A 122 7.70 10.39 -2.77
CA HIS A 122 7.33 11.03 -1.52
C HIS A 122 6.85 12.45 -1.76
N HIS A 123 7.50 13.15 -2.69
CA HIS A 123 7.10 14.52 -2.97
C HIS A 123 5.73 14.58 -3.62
N VAL A 124 5.45 13.62 -4.50
CA VAL A 124 4.13 13.50 -5.08
C VAL A 124 3.04 13.30 -4.02
N MSE A 125 3.26 12.37 -3.10
CA MSE A 125 2.25 12.02 -2.10
C MSE A 125 2.06 13.15 -1.10
O MSE A 125 1.01 13.23 -0.45
CB MSE A 125 2.64 10.72 -1.38
CG MSE A 125 2.74 9.51 -2.27
SE MSE A 125 1.17 9.21 -3.41
CE MSE A 125 -0.22 9.07 -2.02
H MSE A 125 3.98 11.92 -3.02
HA MSE A 125 1.40 11.86 -2.56
HB2 MSE A 125 3.51 10.85 -0.95
HB3 MSE A 125 1.97 10.52 -0.70
HG2 MSE A 125 3.51 9.61 -2.85
HG3 MSE A 125 2.86 8.71 -1.72
HE1 MSE A 125 -1.07 8.92 -2.44
HE2 MSE A 125 -0.01 8.33 -1.44
HE3 MSE A 125 -0.24 9.89 -1.52
N ASP A 126 3.07 14.02 -0.97
CA ASP A 126 3.02 15.15 -0.06
C ASP A 126 2.48 16.42 -0.75
N ASP A 127 2.17 16.33 -2.03
CA ASP A 127 1.66 17.49 -2.78
C ASP A 127 0.13 17.50 -2.75
N PRO A 128 -0.47 18.42 -1.99
CA PRO A 128 -1.92 18.43 -1.83
C PRO A 128 -2.65 18.65 -3.15
N GLU A 129 -2.02 19.31 -4.12
CA GLU A 129 -2.71 19.53 -5.37
C GLU A 129 -2.88 18.25 -6.15
N ILE A 130 -1.98 17.31 -5.92
CA ILE A 130 -2.11 16.00 -6.53
C ILE A 130 -3.01 15.09 -5.70
N VAL A 131 -2.74 14.95 -4.40
CA VAL A 131 -3.47 13.92 -3.64
C VAL A 131 -4.88 14.31 -3.22
N LYS A 132 -5.14 15.59 -2.95
CA LYS A 132 -6.46 15.93 -2.41
C LYS A 132 -7.65 15.54 -3.31
N PRO A 133 -7.55 15.80 -4.63
CA PRO A 133 -8.65 15.39 -5.51
C PRO A 133 -8.86 13.88 -5.53
N ILE A 134 -7.77 13.13 -5.38
CA ILE A 134 -7.84 11.68 -5.35
C ILE A 134 -8.46 11.23 -4.02
N PHE A 135 -7.93 11.75 -2.92
CA PHE A 135 -8.38 11.39 -1.58
C PHE A 135 -9.87 11.69 -1.36
N GLU A 136 -10.38 12.71 -2.03
CA GLU A 136 -11.77 13.14 -1.88
C GLU A 136 -12.72 12.49 -2.87
N SER A 137 -12.20 11.66 -3.76
CA SER A 137 -12.97 11.12 -4.87
C SER A 137 -14.11 10.21 -4.44
N THR A 138 -13.98 9.58 -3.28
CA THR A 138 -14.90 8.52 -2.91
C THR A 138 -15.84 8.93 -1.75
N ARG A 139 -16.03 10.23 -1.56
CA ARG A 139 -16.92 10.73 -0.52
C ARG A 139 -18.32 10.16 -0.65
N GLU A 140 -18.81 10.04 -1.88
CA GLU A 140 -20.14 9.48 -2.12
C GLU A 140 -20.20 8.00 -1.78
N GLY A 141 -19.04 7.34 -1.75
CA GLY A 141 -18.94 5.95 -1.36
C GLY A 141 -18.69 5.77 0.13
N GLY A 142 -18.61 6.88 0.87
CA GLY A 142 -18.63 6.84 2.31
C GLY A 142 -17.30 7.13 3.01
N PHE A 143 -16.23 7.38 2.25
CA PHE A 143 -14.95 7.66 2.88
C PHE A 143 -14.07 8.65 2.11
N GLU A 144 -13.08 9.19 2.80
CA GLU A 144 -12.07 9.98 2.14
C GLU A 144 -10.70 9.70 2.72
N GLY A 145 -9.69 9.84 1.87
CA GLY A 145 -8.30 9.70 2.29
C GLY A 145 -7.91 10.91 3.11
N VAL A 146 -7.16 10.67 4.18
CA VAL A 146 -6.70 11.76 5.02
C VAL A 146 -5.17 11.89 5.07
N THR A 147 -4.48 10.80 4.76
CA THR A 147 -3.03 10.82 4.61
C THR A 147 -2.59 9.52 3.95
N TRP A 148 -1.29 9.40 3.71
CA TRP A 148 -0.69 8.20 3.14
C TRP A 148 0.39 7.67 4.09
N LEU A 149 0.77 6.42 3.87
CA LEU A 149 1.82 5.77 4.62
C LEU A 149 2.74 5.09 3.63
N ASP A 150 4.02 5.02 3.98
CA ASP A 150 5.03 4.44 3.10
C ASP A 150 4.98 2.91 3.17
N ALA A 151 4.94 2.28 2.02
CA ALA A 151 5.04 0.82 1.92
C ALA A 151 6.16 0.44 0.94
N GLY A 152 7.15 1.32 0.77
CA GLY A 152 8.30 0.98 -0.06
C GLY A 152 7.94 0.65 -1.49
N SER A 153 8.70 -0.24 -2.12
CA SER A 153 8.42 -0.68 -3.47
C SER A 153 8.11 -2.18 -3.47
N ARG A 154 7.36 -2.61 -4.48
CA ARG A 154 6.96 -4.00 -4.59
C ARG A 154 7.78 -4.71 -5.64
N SER A 155 8.31 -5.86 -5.28
CA SER A 155 9.11 -6.70 -6.15
C SER A 155 8.69 -8.16 -5.99
N PHE A 156 9.00 -8.99 -6.99
CA PHE A 156 8.63 -10.41 -6.97
C PHE A 156 9.50 -11.23 -6.04
N TYR A 157 8.87 -12.18 -5.35
CA TYR A 157 9.61 -13.21 -4.64
C TYR A 157 8.91 -14.54 -4.88
N THR A 158 9.73 -15.59 -4.96
CA THR A 158 9.26 -16.89 -5.35
C THR A 158 9.94 -17.98 -4.52
N LYS A 159 9.33 -19.16 -4.53
CA LYS A 159 9.83 -20.31 -3.81
C LYS A 159 10.87 -21.12 -4.57
N ASP A 160 10.55 -21.52 -5.79
CA ASP A 160 11.30 -22.57 -6.47
C ASP A 160 12.29 -22.08 -7.48
N LYS A 161 11.95 -21.03 -8.20
CA LYS A 161 12.85 -20.56 -9.25
C LYS A 161 13.03 -19.07 -9.17
N PRO A 162 14.27 -18.62 -9.30
CA PRO A 162 14.52 -17.19 -9.27
C PRO A 162 13.95 -16.46 -10.47
N VAL A 163 13.52 -15.23 -10.25
CA VAL A 163 13.04 -14.37 -11.34
C VAL A 163 14.14 -13.42 -11.77
N ASN A 164 14.59 -13.60 -13.01
CA ASN A 164 15.56 -12.70 -13.63
C ASN A 164 14.98 -11.79 -14.71
N SER A 165 13.88 -12.25 -15.31
CA SER A 165 13.17 -11.47 -16.34
C SER A 165 11.72 -11.95 -16.36
N PRO A 166 10.87 -11.22 -17.06
CA PRO A 166 9.45 -11.59 -17.13
C PRO A 166 9.19 -13.04 -17.55
N GLU A 167 9.97 -13.61 -18.46
CA GLU A 167 9.71 -14.99 -18.87
C GLU A 167 9.77 -16.01 -17.72
N ASP A 168 10.51 -15.71 -16.65
CA ASP A 168 10.60 -16.60 -15.50
C ASP A 168 9.28 -16.70 -14.71
N LEU A 169 8.37 -15.78 -14.98
CA LEU A 169 7.04 -15.78 -14.33
C LEU A 169 6.03 -16.62 -15.11
N SER A 170 6.42 -17.07 -16.29
CA SER A 170 5.55 -17.87 -17.13
C SER A 170 5.20 -19.20 -16.48
N GLY A 171 3.92 -19.51 -16.41
CA GLY A 171 3.46 -20.75 -15.80
C GLY A 171 3.45 -20.73 -14.28
N LEU A 172 3.77 -19.58 -13.68
CA LEU A 172 3.65 -19.43 -12.23
C LEU A 172 2.32 -18.76 -11.87
N LYS A 173 1.86 -19.02 -10.66
CA LYS A 173 0.71 -18.34 -10.10
C LYS A 173 1.25 -17.43 -9.01
N ILE A 174 1.07 -16.12 -9.20
CA ILE A 174 1.64 -15.13 -8.31
C ILE A 174 0.52 -14.42 -7.60
N ARG A 175 0.58 -14.35 -6.28
CA ARG A 175 -0.45 -13.62 -5.53
C ARG A 175 -0.31 -12.13 -5.77
N VAL A 176 -1.46 -11.47 -5.94
CA VAL A 176 -1.54 -10.03 -5.97
C VAL A 176 -2.69 -9.61 -5.05
N GLN A 177 -2.78 -8.31 -4.81
CA GLN A 177 -3.93 -7.77 -4.10
C GLN A 177 -5.16 -7.80 -4.98
N GLN A 178 -6.32 -7.52 -4.39
N GLN A 178 -6.31 -7.48 -4.39
CA GLN A 178 -7.57 -7.50 -5.14
CA GLN A 178 -7.57 -7.42 -5.09
C GLN A 178 -7.64 -6.20 -5.95
C GLN A 178 -7.64 -6.17 -5.95
N SER A 179 -6.95 -6.23 -7.09
CA SER A 179 -6.67 -5.06 -7.88
C SER A 179 -6.65 -5.43 -9.37
N PRO A 180 -7.65 -4.96 -10.13
CA PRO A 180 -7.62 -5.26 -11.57
C PRO A 180 -6.35 -4.80 -12.28
N THR A 181 -5.75 -3.71 -11.81
CA THR A 181 -4.49 -3.24 -12.40
C THR A 181 -3.40 -4.29 -12.27
N ASN A 182 -3.26 -4.85 -11.07
CA ASN A 182 -2.25 -5.88 -10.84
C ASN A 182 -2.54 -7.17 -11.57
N VAL A 183 -3.81 -7.53 -11.71
CA VAL A 183 -4.12 -8.70 -12.51
C VAL A 183 -3.65 -8.51 -13.96
N ARG A 184 -3.95 -7.35 -14.54
CA ARG A 184 -3.52 -7.04 -15.90
C ARG A 184 -1.99 -7.02 -16.00
N MSE A 185 -1.32 -6.49 -14.99
CA MSE A 185 0.13 -6.49 -14.99
C MSE A 185 0.67 -7.93 -15.08
O MSE A 185 1.64 -8.18 -15.82
CB MSE A 185 0.67 -5.81 -13.72
CG MSE A 185 2.17 -5.67 -13.73
SE MSE A 185 2.83 -4.94 -12.02
CE MSE A 185 2.59 -6.53 -10.90
H MSE A 185 -1.68 -6.13 -14.30
HA MSE A 185 0.46 -5.98 -15.76
HB2 MSE A 185 0.27 -4.93 -13.65
HB3 MSE A 185 0.42 -6.35 -12.95
HG2 MSE A 185 2.58 -6.53 -13.86
HG3 MSE A 185 2.43 -5.06 -14.44
HE1 MSE A 185 2.88 -6.33 -10.01
HE2 MSE A 185 1.66 -6.78 -10.90
HE3 MSE A 185 3.13 -7.25 -11.26
N MSE A 186 0.07 -8.86 -14.35
CA MSE A 186 0.56 -10.24 -14.39
C MSE A 186 0.31 -10.84 -15.77
O MSE A 186 1.17 -11.58 -16.27
CB MSE A 186 -0.04 -11.13 -13.32
CG MSE A 186 0.21 -10.67 -11.90
SE MSE A 186 2.11 -10.29 -11.50
CE MSE A 186 2.93 -11.85 -12.21
H MSE A 186 -0.61 -8.73 -13.84
HA MSE A 186 1.53 -10.22 -14.23
HB2 MSE A 186 -1.00 -11.17 -13.45
HB3 MSE A 186 0.33 -12.02 -13.41
HG2 MSE A 186 -0.29 -9.85 -11.75
HG3 MSE A 186 -0.08 -11.36 -11.29
HE1 MSE A 186 3.88 -11.79 -12.08
HE2 MSE A 186 2.58 -12.62 -11.75
HE3 MSE A 186 2.73 -11.91 -13.15
N ASP A 187 -0.83 -10.52 -16.38
CA ASP A 187 -1.15 -11.01 -17.70
C ASP A 187 -0.10 -10.55 -18.73
N LEU A 188 0.29 -9.27 -18.67
CA LEU A 188 1.29 -8.71 -19.58
C LEU A 188 2.68 -9.30 -19.35
N LEU A 189 2.95 -9.73 -18.13
CA LEU A 189 4.19 -10.44 -17.82
C LEU A 189 4.16 -11.93 -18.22
N GLY A 190 3.09 -12.38 -18.87
CA GLY A 190 2.97 -13.76 -19.32
C GLY A 190 2.70 -14.75 -18.20
N SER A 191 2.20 -14.25 -17.08
CA SER A 191 2.02 -15.03 -15.87
C SER A 191 0.54 -15.12 -15.53
N SER A 192 0.24 -15.49 -14.29
CA SER A 192 -1.14 -15.65 -13.85
C SER A 192 -1.28 -15.04 -12.45
N ALA A 193 -2.30 -14.21 -12.23
CA ALA A 193 -2.52 -13.61 -10.92
C ALA A 193 -3.47 -14.43 -10.05
N SER A 194 -3.18 -14.46 -8.76
CA SER A 194 -4.08 -15.02 -7.77
C SER A 194 -4.37 -13.98 -6.73
N PRO A 195 -5.45 -13.23 -6.92
CA PRO A 195 -5.76 -12.17 -5.94
C PRO A 195 -6.31 -12.74 -4.64
N MSE A 196 -5.81 -12.26 -3.51
CA MSE A 196 -6.32 -12.70 -2.21
C MSE A 196 -5.82 -11.73 -1.15
O MSE A 196 -4.88 -10.96 -1.39
CB MSE A 196 -5.82 -14.10 -1.87
CG MSE A 196 -4.33 -14.16 -1.68
SE MSE A 196 -3.61 -15.97 -1.43
CE MSE A 196 -3.89 -16.64 -3.19
H MSE A 196 -5.19 -11.67 -3.46
HA MSE A 196 -7.30 -12.70 -2.21
HB2 MSE A 196 -6.24 -14.40 -1.04
HB3 MSE A 196 -6.05 -14.71 -2.60
HG2 MSE A 196 -3.89 -13.78 -2.46
HG3 MSE A 196 -4.09 -13.64 -0.89
HE1 MSE A 196 -3.59 -17.55 -3.24
HE2 MSE A 196 -4.82 -16.60 -3.40
HE3 MSE A 196 -3.39 -16.10 -3.82
N GLY A 197 -6.44 -11.77 0.02
CA GLY A 197 -6.05 -10.91 1.11
C GLY A 197 -4.70 -11.24 1.72
N PHE A 198 -4.07 -10.22 2.30
CA PHE A 198 -2.68 -10.30 2.73
C PHE A 198 -2.48 -11.40 3.75
N GLY A 199 -3.42 -11.53 4.70
CA GLY A 199 -3.34 -12.56 5.70
C GLY A 199 -3.37 -14.01 5.24
N GLU A 200 -3.81 -14.22 4.00
CA GLU A 200 -3.86 -15.55 3.42
C GLU A 200 -2.57 -16.02 2.75
N VAL A 201 -1.67 -15.09 2.51
CA VAL A 201 -0.55 -15.36 1.61
C VAL A 201 0.43 -16.37 2.19
N TYR A 202 0.76 -16.27 3.48
CA TYR A 202 1.73 -17.19 4.06
C TYR A 202 1.32 -18.66 3.86
N THR A 203 0.09 -18.99 4.25
CA THR A 203 -0.39 -20.35 4.10
C THR A 203 -0.57 -20.76 2.64
N ALA A 204 -0.90 -19.81 1.77
CA ALA A 204 -1.02 -20.12 0.36
C ALA A 204 0.35 -20.48 -0.22
N LEU A 205 1.41 -19.79 0.22
CA LEU A 205 2.77 -20.13 -0.21
C LEU A 205 3.19 -21.50 0.34
N GLN A 206 2.91 -21.73 1.60
CA GLN A 206 3.32 -22.98 2.25
C GLN A 206 2.65 -24.18 1.60
N SER A 207 1.38 -24.03 1.22
CA SER A 207 0.62 -25.15 0.68
C SER A 207 0.83 -25.35 -0.83
N GLY A 208 1.54 -24.42 -1.46
CA GLY A 208 1.86 -24.52 -2.87
C GLY A 208 0.73 -24.08 -3.77
N ILE A 209 -0.30 -23.45 -3.22
CA ILE A 209 -1.41 -22.91 -3.99
C ILE A 209 -0.94 -21.77 -4.90
N ILE A 210 0.08 -21.05 -4.45
CA ILE A 210 0.74 -20.03 -5.26
C ILE A 210 2.25 -20.32 -5.26
N ASP A 211 2.92 -19.81 -6.28
CA ASP A 211 4.34 -19.99 -6.49
C ASP A 211 5.19 -18.83 -5.97
N GLY A 212 4.54 -17.74 -5.60
CA GLY A 212 5.24 -16.54 -5.23
C GLY A 212 4.26 -15.40 -5.05
N ALA A 213 4.79 -14.22 -4.80
CA ALA A 213 3.98 -13.05 -4.54
C ALA A 213 4.85 -11.84 -4.86
N GLU A 214 4.39 -10.65 -4.50
CA GLU A 214 5.19 -9.46 -4.74
C GLU A 214 4.88 -8.42 -3.70
N ASN A 215 5.92 -7.82 -3.15
CA ASN A 215 5.73 -6.89 -2.07
C ASN A 215 7.05 -6.26 -1.69
N ASN A 216 7.00 -5.42 -0.68
CA ASN A 216 8.20 -4.92 -0.05
C ASN A 216 8.84 -5.99 0.84
N GLU A 217 9.99 -5.67 1.41
CA GLU A 217 10.76 -6.63 2.18
C GLU A 217 10.15 -7.04 3.51
N MSE A 218 9.27 -6.21 4.05
N MSE A 218 9.27 -6.21 4.06
CA MSE A 218 8.66 -6.48 5.34
CA MSE A 218 8.65 -6.49 5.35
C MSE A 218 7.75 -7.72 5.30
C MSE A 218 7.80 -7.75 5.29
O MSE A 218 7.54 -8.39 6.30
O MSE A 218 7.65 -8.47 6.27
CB MSE A 218 7.92 -5.26 5.86
CB MSE A 218 7.82 -5.32 5.86
CG MSE A 218 8.82 -4.24 6.54
CG MSE A 218 8.55 -4.00 6.00
SE MSE A 218 9.23 -4.92 8.27
SE MSE A 218 8.10 -3.11 7.70
CE MSE A 218 7.85 -4.23 9.45
CE MSE A 218 8.77 -4.57 8.84
H MSE A 218 9.00 -5.48 3.69
H MSE A 218 9.01 -5.46 3.70
HA MSE A 218 9.38 -6.67 5.98
HA MSE A 218 9.38 -6.65 6.00
HB2 MSE A 218 7.47 -4.81 5.12
HB2 MSE A 218 7.08 -5.18 5.26
HB3 MSE A 218 7.25 -5.53 6.52
HB3 MSE A 218 7.47 -5.55 6.75
HG2 MSE A 218 9.63 -4.14 6.03
HG2 MSE A 218 9.51 -4.15 5.99
HG3 MSE A 218 8.35 -3.40 6.63
HG3 MSE A 218 8.29 -3.41 5.27
HE1 MSE A 218 8.01 -4.54 10.34
HE1 MSE A 218 8.63 -4.32 9.76
HE2 MSE A 218 7.87 -3.27 9.43
HE2 MSE A 218 8.28 -5.36 8.63
HE3 MSE A 218 7.00 -4.54 9.14
HE3 MSE A 218 9.70 -4.69 8.66
N SER A 219 7.22 -8.03 4.12
CA SER A 219 6.43 -9.24 3.94
C SER A 219 7.25 -10.47 4.25
N LEU A 220 8.55 -10.44 3.95
CA LEU A 220 9.38 -11.61 4.11
C LEU A 220 9.56 -11.97 5.58
N THR A 221 9.62 -10.94 6.42
CA THR A 221 10.05 -11.10 7.80
C THR A 221 8.86 -10.96 8.73
N ASP A 222 8.20 -9.80 8.70
CA ASP A 222 7.09 -9.55 9.60
C ASP A 222 5.94 -10.53 9.36
N ASN A 223 5.74 -10.91 8.09
CA ASN A 223 4.65 -11.80 7.73
C ASN A 223 5.12 -13.21 7.39
N GLY A 224 6.43 -13.44 7.52
CA GLY A 224 7.00 -14.76 7.40
C GLY A 224 7.12 -15.33 6.00
N HIS A 225 6.91 -14.54 4.95
CA HIS A 225 6.94 -15.12 3.62
C HIS A 225 8.32 -15.62 3.21
N GLY A 226 9.35 -15.08 3.86
CA GLY A 226 10.71 -15.53 3.62
C GLY A 226 11.02 -16.90 4.19
N GLU A 227 10.09 -17.45 4.95
CA GLU A 227 10.26 -18.84 5.43
C GLU A 227 10.08 -19.79 4.26
N VAL A 228 9.23 -19.42 3.30
CA VAL A 228 8.94 -20.24 2.15
C VAL A 228 9.66 -19.74 0.91
N CYS A 229 9.68 -18.42 0.70
CA CYS A 229 10.25 -17.83 -0.51
C CYS A 229 11.62 -17.25 -0.27
N LYS A 230 12.64 -17.85 -0.88
CA LYS A 230 13.99 -17.38 -0.64
C LYS A 230 14.62 -16.64 -1.81
N TYR A 231 13.85 -16.40 -2.88
CA TYR A 231 14.35 -15.61 -4.00
C TYR A 231 13.56 -14.31 -4.09
N TYR A 232 14.21 -13.20 -3.77
CA TYR A 232 13.57 -11.90 -3.82
C TYR A 232 14.30 -11.07 -4.85
N SER A 233 13.58 -10.71 -5.91
N SER A 233 13.59 -10.74 -5.94
CA SER A 233 14.16 -10.10 -7.09
CA SER A 233 14.18 -10.07 -7.07
C SER A 233 13.67 -8.65 -7.30
C SER A 233 13.66 -8.65 -7.23
N TYR A 234 14.58 -7.69 -7.18
CA TYR A 234 14.25 -6.28 -7.13
C TYR A 234 13.87 -5.69 -8.49
N ASP A 235 12.76 -6.15 -9.04
CA ASP A 235 12.26 -5.55 -10.26
C ASP A 235 11.55 -4.22 -9.95
N MSE A 236 11.12 -4.04 -8.70
CA MSE A 236 10.53 -2.79 -8.20
C MSE A 236 9.45 -2.20 -9.12
O MSE A 236 9.51 -1.01 -9.52
CB MSE A 236 11.65 -1.78 -7.90
CG MSE A 236 12.59 -2.26 -6.79
SE MSE A 236 14.16 -1.12 -6.56
CE MSE A 236 13.22 0.43 -5.85
H MSE A 236 11.15 -4.67 -8.11
HA MSE A 236 10.10 -2.99 -7.33
HB2 MSE A 236 12.19 -1.66 -8.69
HB3 MSE A 236 11.26 -0.95 -7.62
HG2 MSE A 236 12.10 -2.27 -5.95
HG3 MSE A 236 12.90 -3.16 -7.00
HE1 MSE A 236 13.86 1.12 -5.67
HE2 MSE A 236 12.58 0.73 -6.49
HE3 MSE A 236 12.77 0.17 -5.04
N HIS A 237 8.44 -3.00 -9.41
CA HIS A 237 7.46 -2.64 -10.42
C HIS A 237 6.49 -1.56 -9.98
N GLN A 238 6.26 -1.43 -8.69
CA GLN A 238 5.35 -0.40 -8.18
C GLN A 238 5.82 0.17 -6.86
N MSE A 239 5.40 1.42 -6.62
CA MSE A 239 5.50 2.05 -5.31
C MSE A 239 4.08 2.42 -4.95
O MSE A 239 3.55 3.43 -5.43
CB MSE A 239 6.42 3.26 -5.30
CG MSE A 239 7.78 2.94 -5.80
SE MSE A 239 8.95 4.47 -5.65
CE MSE A 239 9.66 4.08 -3.85
H MSE A 239 5.06 1.93 -7.22
HA MSE A 239 5.84 1.40 -4.67
HB2 MSE A 239 6.04 3.94 -5.89
HB3 MSE A 239 6.50 3.60 -4.39
HG2 MSE A 239 8.14 2.21 -5.26
HG3 MSE A 239 7.72 2.67 -6.73
HE1 MSE A 239 10.29 4.76 -3.61
HE2 MSE A 239 8.94 4.06 -3.22
HE3 MSE A 239 10.11 3.22 -3.87
N VAL A 240 3.46 1.60 -4.13
CA VAL A 240 2.01 1.69 -3.91
C VAL A 240 1.76 2.24 -2.51
N PRO A 241 1.21 3.45 -2.44
CA PRO A 241 1.02 3.99 -1.08
C PRO A 241 -0.07 3.24 -0.33
N ASP A 242 0.10 3.12 0.98
CA ASP A 242 -1.00 2.79 1.85
C ASP A 242 -1.76 4.10 2.15
N ILE A 243 -3.07 4.01 2.17
CA ILE A 243 -3.91 5.19 2.36
C ILE A 243 -4.69 5.06 3.66
N VAL A 244 -4.67 6.10 4.48
CA VAL A 244 -5.52 6.15 5.66
C VAL A 244 -6.83 6.76 5.25
N ILE A 245 -7.91 5.99 5.37
CA ILE A 245 -9.22 6.47 5.00
C ILE A 245 -10.10 6.63 6.23
N ALA A 246 -10.95 7.65 6.20
CA ALA A 246 -11.88 7.90 7.29
C ALA A 246 -13.31 7.95 6.76
N ASN A 247 -14.25 7.45 7.57
CA ASN A 247 -15.67 7.57 7.25
C ASN A 247 -16.02 9.03 7.09
N TYR A 248 -16.64 9.34 5.95
CA TYR A 248 -16.83 10.74 5.55
C TYR A 248 -17.82 11.49 6.46
N SER A 249 -18.96 10.86 6.75
CA SER A 249 -19.96 11.47 7.64
C SER A 249 -19.38 11.73 9.02
N TRP A 250 -18.63 10.75 9.51
CA TRP A 250 -18.00 10.88 10.81
C TRP A 250 -17.03 12.06 10.84
N LEU A 251 -16.14 12.10 9.85
CA LEU A 251 -15.09 13.11 9.85
C LEU A 251 -15.71 14.51 9.74
N GLU A 252 -16.62 14.70 8.81
CA GLU A 252 -17.21 16.02 8.60
C GLU A 252 -18.17 16.41 9.72
N GLY A 253 -18.59 15.43 10.49
CA GLY A 253 -19.42 15.66 11.66
C GLY A 253 -18.67 16.19 12.87
N LEU A 254 -17.35 16.06 12.88
CA LEU A 254 -16.57 16.55 14.01
C LEU A 254 -16.71 18.07 14.19
N PRO A 255 -16.84 18.51 15.44
CA PRO A 255 -16.75 19.95 15.70
C PRO A 255 -15.42 20.51 15.21
N GLU A 256 -15.39 21.80 14.90
CA GLU A 256 -14.22 22.43 14.29
C GLU A 256 -12.93 22.13 15.05
N GLU A 257 -12.98 22.28 16.36
CA GLU A 257 -11.77 22.19 17.17
C GLU A 257 -11.31 20.76 17.24
N ASP A 258 -12.26 19.84 17.29
CA ASP A 258 -11.92 18.42 17.31
C ASP A 258 -11.30 17.99 15.97
N ARG A 259 -11.89 18.46 14.87
CA ARG A 259 -11.39 18.17 13.54
C ARG A 259 -9.95 18.64 13.39
N LYS A 260 -9.65 19.80 13.96
CA LYS A 260 -8.29 20.32 13.85
C LYS A 260 -7.29 19.38 14.53
N VAL A 261 -7.69 18.82 15.67
CA VAL A 261 -6.83 17.90 16.41
C VAL A 261 -6.68 16.60 15.65
N PHE A 262 -7.77 16.04 15.14
CA PHE A 262 -7.64 14.83 14.34
C PHE A 262 -6.76 15.04 13.12
N ASP A 263 -6.89 16.20 12.47
CA ASP A 263 -6.09 16.48 11.27
C ASP A 263 -4.58 16.53 11.64
N GLU A 264 -4.27 17.17 12.75
CA GLU A 264 -2.89 17.23 13.25
C GLU A 264 -2.41 15.82 13.54
N GLY A 265 -3.31 15.02 14.12
CA GLY A 265 -2.99 13.63 14.39
C GLY A 265 -2.65 12.84 13.15
N PHE A 266 -3.38 13.07 12.06
CA PHE A 266 -3.10 12.36 10.82
C PHE A 266 -1.71 12.73 10.29
N LYS A 267 -1.29 13.97 10.50
CA LYS A 267 0.04 14.41 10.09
C LYS A 267 1.08 13.70 10.93
N VAL A 268 0.84 13.61 12.22
CA VAL A 268 1.75 12.88 13.10
C VAL A 268 1.86 11.41 12.69
N LEU A 269 0.72 10.82 12.37
CA LEU A 269 0.66 9.44 11.87
C LEU A 269 1.58 9.25 10.65
N ASN A 270 1.41 10.15 9.69
CA ASN A 270 2.24 10.11 8.48
C ASN A 270 3.72 10.21 8.85
N GLU A 271 4.07 11.16 9.69
CA GLU A 271 5.46 11.40 10.04
C GLU A 271 6.11 10.25 10.80
N VAL A 272 5.39 9.72 11.78
CA VAL A 272 5.94 8.65 12.61
C VAL A 272 6.03 7.36 11.83
N GLN A 273 5.00 7.03 11.05
CA GLN A 273 5.05 5.86 10.20
C GLN A 273 6.21 5.90 9.20
N ARG A 274 6.43 7.05 8.59
CA ARG A 274 7.51 7.17 7.61
C ARG A 274 8.89 7.03 8.25
N LYS A 275 9.07 7.61 9.43
CA LYS A 275 10.34 7.48 10.15
C LYS A 275 10.58 6.03 10.54
N GLU A 276 9.52 5.38 11.01
CA GLU A 276 9.66 3.99 11.46
C GLU A 276 9.84 3.07 10.28
N TRP A 277 9.27 3.43 9.14
CA TRP A 277 9.39 2.63 7.93
C TRP A 277 10.85 2.46 7.53
N LYS A 278 11.60 3.57 7.57
CA LYS A 278 13.02 3.55 7.20
C LYS A 278 13.81 2.59 8.07
N VAL A 279 13.59 2.67 9.38
CA VAL A 279 14.21 1.77 10.33
C VAL A 279 13.83 0.31 10.05
N ALA A 280 12.54 0.07 9.92
CA ALA A 280 12.00 -1.30 9.81
C ALA A 280 12.47 -1.98 8.53
N VAL A 281 12.48 -1.26 7.43
CA VAL A 281 12.82 -1.89 6.16
C VAL A 281 14.30 -2.29 6.15
N ASP A 282 15.14 -1.47 6.77
CA ASP A 282 16.56 -1.82 6.95
C ASP A 282 16.71 -3.09 7.77
N LYS A 283 16.01 -3.16 8.90
CA LYS A 283 16.06 -4.35 9.73
C LYS A 283 15.48 -5.57 8.99
N ALA A 284 14.46 -5.35 8.16
CA ALA A 284 13.84 -6.45 7.43
C ALA A 284 14.82 -7.03 6.43
N LYS A 285 15.57 -6.18 5.75
CA LYS A 285 16.52 -6.69 4.77
C LYS A 285 17.56 -7.58 5.46
N GLU A 286 18.01 -7.16 6.65
CA GLU A 286 19.04 -7.91 7.37
C GLU A 286 18.49 -9.24 7.88
N LYS A 287 17.29 -9.20 8.46
CA LYS A 287 16.68 -10.39 8.99
C LYS A 287 16.37 -11.39 7.85
N ALA A 288 15.92 -10.88 6.70
CA ALA A 288 15.68 -11.74 5.54
C ALA A 288 16.97 -12.44 5.12
N SER A 289 18.07 -11.71 5.07
CA SER A 289 19.35 -12.32 4.75
C SER A 289 19.66 -13.44 5.74
N GLU A 290 19.44 -13.20 7.02
CA GLU A 290 19.74 -14.18 8.05
C GLU A 290 18.84 -15.41 7.92
N MSE A 291 17.63 -15.22 7.40
CA MSE A 291 16.67 -16.30 7.18
C MSE A 291 17.02 -17.13 5.94
O MSE A 291 16.38 -18.14 5.67
CB MSE A 291 15.27 -15.72 6.97
CG MSE A 291 14.58 -15.21 8.19
SE MSE A 291 12.96 -14.30 7.60
CE MSE A 291 12.04 -15.81 6.87
H MSE A 291 17.33 -14.45 7.16
HA MSE A 291 16.65 -16.88 7.97
HB2 MSE A 291 15.32 -14.99 6.34
HB3 MSE A 291 14.70 -16.42 6.60
HG2 MSE A 291 14.34 -15.94 8.78
HG3 MSE A 291 15.16 -14.57 8.65
HE1 MSE A 291 11.18 -15.53 6.53
HE2 MSE A 291 12.56 -16.20 6.17
HE3 MSE A 291 11.90 -16.46 7.57
N GLY A 292 17.99 -16.68 5.16
CA GLY A 292 18.36 -17.41 3.96
C GLY A 292 17.81 -16.84 2.67
N VAL A 293 17.19 -15.67 2.71
CA VAL A 293 16.69 -15.09 1.48
C VAL A 293 17.85 -14.57 0.66
N GLU A 294 17.82 -14.89 -0.62
CA GLU A 294 18.74 -14.35 -1.58
C GLU A 294 18.13 -13.21 -2.35
N PHE A 295 18.81 -12.06 -2.32
CA PHE A 295 18.34 -10.90 -3.05
C PHE A 295 18.98 -10.88 -4.44
N ILE A 296 18.15 -10.70 -5.44
CA ILE A 296 18.57 -10.60 -6.83
C ILE A 296 18.28 -9.19 -7.35
N TYR A 297 19.16 -8.69 -8.23
CA TYR A 297 19.06 -7.34 -8.78
C TYR A 297 18.95 -7.41 -10.28
N PRO A 298 17.75 -7.71 -10.80
CA PRO A 298 17.58 -7.94 -12.22
C PRO A 298 17.61 -6.65 -13.02
N ASP A 299 17.87 -6.79 -14.31
CA ASP A 299 17.68 -5.72 -15.26
C ASP A 299 16.19 -5.36 -15.28
N GLN A 300 15.86 -4.12 -14.94
CA GLN A 300 14.46 -3.71 -14.90
C GLN A 300 13.86 -3.46 -16.27
N LYS A 301 14.68 -3.15 -17.28
CA LYS A 301 14.13 -2.74 -18.59
C LYS A 301 13.15 -3.74 -19.20
N PRO A 302 13.45 -5.05 -19.15
CA PRO A 302 12.48 -5.97 -19.74
C PRO A 302 11.13 -5.98 -19.01
N PHE A 303 11.12 -5.72 -17.70
CA PHE A 303 9.87 -5.64 -16.95
C PHE A 303 9.12 -4.37 -17.40
N VAL A 304 9.84 -3.26 -17.47
CA VAL A 304 9.25 -1.98 -17.87
C VAL A 304 8.58 -2.13 -19.22
N ASP A 305 9.29 -2.73 -20.17
CA ASP A 305 8.78 -2.84 -21.53
C ASP A 305 7.57 -3.78 -21.60
N ALA A 306 7.59 -4.85 -20.80
CA ALA A 306 6.49 -5.82 -20.81
C ALA A 306 5.20 -5.20 -20.30
N VAL A 307 5.28 -4.34 -19.30
CA VAL A 307 4.07 -3.79 -18.69
C VAL A 307 3.70 -2.38 -19.15
N ALA A 308 4.52 -1.80 -20.05
CA ALA A 308 4.22 -0.46 -20.58
C ALA A 308 2.81 -0.31 -21.15
N PRO A 309 2.29 -1.34 -21.85
CA PRO A 309 0.93 -1.20 -22.37
C PRO A 309 -0.12 -0.92 -21.30
N LEU A 310 0.12 -1.35 -20.07
CA LEU A 310 -0.83 -1.11 -19.01
C LEU A 310 -1.04 0.38 -18.75
N THR A 311 0.06 1.12 -18.71
CA THR A 311 -0.04 2.56 -18.51
C THR A 311 -0.76 3.23 -19.67
N LYS A 312 -0.42 2.82 -20.88
CA LYS A 312 -1.10 3.34 -22.07
C LYS A 312 -2.60 3.08 -22.00
N GLU A 313 -2.98 1.86 -21.60
CA GLU A 313 -4.37 1.44 -21.56
C GLU A 313 -5.12 2.20 -20.50
N VAL A 314 -4.52 2.32 -19.33
CA VAL A 314 -5.18 2.92 -18.18
C VAL A 314 -5.40 4.40 -18.47
N LEU A 315 -4.38 5.07 -19.01
CA LEU A 315 -4.51 6.50 -19.28
C LEU A 315 -5.53 6.75 -20.38
N GLU A 316 -5.55 5.91 -21.39
CA GLU A 316 -6.48 6.09 -22.51
C GLU A 316 -7.92 5.93 -22.07
N ARG A 317 -8.15 5.04 -21.11
CA ARG A 317 -9.51 4.72 -20.70
C ARG A 317 -10.07 5.71 -19.70
N ASN A 318 -9.19 6.38 -18.97
CA ASN A 318 -9.62 7.25 -17.89
C ASN A 318 -9.00 8.65 -18.06
N ASP A 319 -9.74 9.55 -18.68
CA ASP A 319 -9.17 10.86 -18.98
C ASP A 319 -9.03 11.78 -17.77
N LYS A 320 -9.48 11.34 -16.60
CA LYS A 320 -9.20 12.11 -15.39
C LYS A 320 -7.72 12.07 -15.04
N LEU A 321 -7.01 11.07 -15.53
CA LEU A 321 -5.68 10.78 -15.01
C LEU A 321 -4.55 11.65 -15.58
N ALA A 322 -4.68 12.02 -16.84
CA ALA A 322 -3.59 12.70 -17.55
C ALA A 322 -2.97 13.86 -16.75
N PRO A 323 -3.80 14.74 -16.19
CA PRO A 323 -3.16 15.89 -15.52
C PRO A 323 -2.38 15.52 -14.25
N PHE A 324 -2.82 14.45 -13.58
CA PHE A 324 -2.07 13.92 -12.44
C PHE A 324 -0.77 13.29 -12.90
N TYR A 325 -0.86 12.51 -13.98
CA TYR A 325 0.32 11.92 -14.59
C TYR A 325 1.33 12.98 -15.01
N ASP A 326 0.85 14.07 -15.63
CA ASP A 326 1.73 15.19 -16.02
C ASP A 326 2.46 15.77 -14.82
N ALA A 327 1.74 15.95 -13.73
CA ALA A 327 2.30 16.55 -12.54
C ALA A 327 3.36 15.63 -11.95
N ILE A 328 3.08 14.33 -11.96
CA ILE A 328 4.03 13.33 -11.47
C ILE A 328 5.31 13.37 -12.30
N GLN A 329 5.17 13.53 -13.61
CA GLN A 329 6.36 13.63 -14.45
C GLN A 329 7.24 14.80 -14.09
N LYS A 330 6.65 15.91 -13.65
CA LYS A 330 7.48 17.04 -13.27
C LYS A 330 8.31 16.67 -12.05
N TYR A 331 7.72 15.95 -11.12
CA TYR A 331 8.46 15.50 -9.96
C TYR A 331 9.51 14.48 -10.35
N ASN A 332 9.21 13.64 -11.34
CA ASN A 332 10.21 12.67 -11.80
C ASN A 332 11.43 13.39 -12.35
N GLU A 333 11.17 14.51 -13.03
CA GLU A 333 12.26 15.31 -13.60
C GLU A 333 13.09 16.02 -12.53
N GLU A 334 12.42 16.51 -11.51
CA GLU A 334 13.07 17.20 -10.40
C GLU A 334 13.85 16.24 -9.50
N TYR A 335 13.36 15.02 -9.35
CA TYR A 335 14.00 14.02 -8.50
C TYR A 335 14.23 12.72 -9.24
N PRO A 336 15.17 12.72 -10.18
CA PRO A 336 15.40 11.51 -10.98
C PRO A 336 16.14 10.43 -10.19
N ALA A 337 16.22 9.25 -10.78
CA ALA A 337 16.99 8.16 -10.20
C ALA A 337 18.46 8.56 -10.08
C1 GCU B . 1.80 -4.17 1.91
C2 GCU B . 0.85 -3.05 2.13
C3 GCU B . -0.44 -3.54 2.78
C4 GCU B . -1.12 -4.52 2.03
C5 GCU B . -0.22 -5.56 1.51
C6 GCU B . -0.79 -6.43 0.36
O1 GCU B . 2.04 -4.90 3.14
O2 GCU B . 1.50 -2.19 3.09
O3 GCU B . -1.33 -2.39 2.94
O4 GCU B . -2.27 -5.00 2.51
O5 GCU B . 1.05 -5.03 1.04
O6A GCU B . -1.94 -6.87 0.53
O6B GCU B . -0.03 -6.68 -0.61
C1 BDP C . 1.72 -4.21 2.11
C2 BDP C . 0.83 -3.07 2.32
C3 BDP C . -0.50 -3.54 2.82
C4 BDP C . -1.12 -4.45 1.90
C5 BDP C . -0.19 -5.57 1.65
C6 BDP C . -0.73 -6.52 0.55
O2 BDP C . 1.44 -2.41 3.49
O3 BDP C . -1.38 -2.38 3.05
O4 BDP C . -2.32 -4.89 2.29
O5 BDP C . 1.10 -5.09 1.17
O6A BDP C . -1.86 -7.00 0.76
O1 BDP C . 2.87 -3.72 1.38
O6B BDP C . 0.06 -6.94 -0.33
CL CL D . -8.37 -7.86 1.30
O1 PG4 E . -12.55 12.44 -8.83
C1 PG4 E . -11.77 12.81 -9.90
C2 PG4 E . -10.94 14.00 -9.54
O2 PG4 E . -10.60 14.69 -10.70
C3 PG4 E . -11.55 14.84 -11.70
C4 PG4 E . -11.74 16.29 -12.03
O3 PG4 E . -12.85 16.44 -12.85
C5 PG4 E . -14.06 15.91 -12.47
C6 PG4 E . -15.16 16.41 -13.33
O4 PG4 E . -16.24 15.58 -13.15
C7 PG4 E . -16.77 15.46 -11.90
C8 PG4 E . -17.78 14.35 -11.89
O5 PG4 E . -17.13 13.14 -12.03
#